data_3UE4
#
_entry.id   3UE4
#
_cell.length_a   56.860
_cell.length_b   113.760
_cell.length_c   127.640
_cell.angle_alpha   90.00
_cell.angle_beta   90.00
_cell.angle_gamma   90.00
#
_symmetry.space_group_name_H-M   'P 2 21 21'
#
loop_
_entity.id
_entity.type
_entity.pdbx_description
1 polymer 'Tyrosine-protein kinase ABL1'
2 non-polymer 4-[(2,4-dichloro-5-methoxyphenyl)amino]-6-methoxy-7-[3-(4-methylpiperazin-1-yl)propoxy]quinoline-3-carbonitrile
3 water water
#
_entity_poly.entity_id   1
_entity_poly.type   'polypeptide(L)'
_entity_poly.pdbx_seq_one_letter_code
;GHMSPNYDKWEMERTDITMKHKLGGGQYGEVYEGVWKKYSLTVAVKTLKEDTMEVEEFLKEAAVMKEIKHPNLVQLLGVC
TREPPFYIITEFMTYGNLLDYLRECNRQEVNAVVLLYMATQISSAMEYLEKKNFIHRDLAARNCLVGENHLVKVADFGLS
RLMTGDTYTAHAGAKFPIKWTAPESLAYNKFSIKSDVWAFGVLLWEIATYGMSPYPGIDLSQVYELLEKDYRMERPEGCP
EKVYELMRACWQWNPSDRPSFAEIHQAFETMFQESSISDEVEKELGK
;
_entity_poly.pdbx_strand_id   A,B
#
# COMPACT_ATOMS: atom_id res chain seq x y z
N ASP A 8 -19.21 0.29 7.57
CA ASP A 8 -18.27 1.25 6.98
C ASP A 8 -18.98 2.37 6.20
N LYS A 9 -20.17 2.06 5.69
CA LYS A 9 -21.07 3.08 5.10
C LYS A 9 -20.87 3.28 3.60
N TRP A 10 -19.70 2.90 3.09
CA TRP A 10 -19.50 2.78 1.65
C TRP A 10 -19.97 1.38 1.25
N GLU A 11 -20.26 0.56 2.26
CA GLU A 11 -20.69 -0.81 2.04
C GLU A 11 -22.18 -0.92 1.71
N MET A 12 -22.48 -1.72 0.69
CA MET A 12 -23.86 -1.89 0.29
C MET A 12 -24.18 -3.33 -0.05
N GLU A 13 -25.47 -3.61 -0.19
CA GLU A 13 -25.92 -4.95 -0.54
C GLU A 13 -25.63 -5.17 -2.02
N ARG A 14 -24.99 -6.28 -2.34
CA ARG A 14 -24.74 -6.65 -3.73
C ARG A 14 -26.06 -6.81 -4.50
N THR A 15 -27.13 -7.10 -3.76
CA THR A 15 -28.48 -7.23 -4.31
C THR A 15 -29.08 -5.87 -4.65
N ASP A 16 -28.37 -4.81 -4.29
CA ASP A 16 -28.81 -3.44 -4.61
C ASP A 16 -28.53 -3.08 -6.07
N ILE A 17 -27.61 -3.79 -6.69
CA ILE A 17 -27.26 -3.56 -8.08
C ILE A 17 -27.77 -4.68 -8.98
N THR A 18 -28.26 -4.33 -10.16
CA THR A 18 -28.49 -5.35 -11.15
C THR A 18 -27.51 -5.13 -12.30
N MET A 19 -26.84 -6.21 -12.70
CA MET A 19 -25.91 -6.17 -13.82
C MET A 19 -26.64 -6.05 -15.15
N LYS A 20 -26.08 -5.26 -16.06
CA LYS A 20 -26.76 -5.02 -17.33
C LYS A 20 -25.98 -5.52 -18.55
N HIS A 21 -24.76 -5.02 -18.74
CA HIS A 21 -23.88 -5.45 -19.83
C HIS A 21 -22.43 -5.45 -19.39
N LYS A 22 -21.67 -6.45 -19.83
CA LYS A 22 -20.22 -6.43 -19.73
C LYS A 22 -19.68 -5.31 -20.61
N LEU A 23 -18.77 -4.50 -20.06
CA LEU A 23 -18.16 -3.43 -20.83
C LEU A 23 -16.72 -3.80 -21.20
N GLY A 24 -16.17 -4.76 -20.47
CA GLY A 24 -14.81 -5.22 -20.68
C GLY A 24 -14.26 -5.82 -19.40
N GLY A 25 -12.94 -5.95 -19.33
CA GLY A 25 -12.29 -6.39 -18.11
C GLY A 25 -11.39 -7.60 -18.28
N GLY A 26 -10.63 -7.88 -17.23
CA GLY A 26 -9.63 -8.93 -17.23
C GLY A 26 -9.34 -9.36 -15.79
N GLN A 27 -8.63 -8.54 -15.02
CA GLN A 27 -8.01 -7.27 -15.43
C GLN A 27 -7.31 -6.81 -14.16
N TYR A 28 -8.02 -5.98 -13.42
CA TYR A 28 -7.93 -5.95 -11.97
C TYR A 28 -9.24 -6.64 -11.58
N GLY A 29 -10.12 -6.75 -12.58
CA GLY A 29 -11.45 -7.34 -12.47
C GLY A 29 -12.23 -6.95 -13.71
N GLU A 30 -13.31 -7.67 -14.01
CA GLU A 30 -14.17 -7.33 -15.16
C GLU A 30 -15.14 -6.18 -14.85
N VAL A 31 -15.56 -5.47 -15.89
CA VAL A 31 -16.35 -4.25 -15.71
C VAL A 31 -17.73 -4.29 -16.40
N TYR A 32 -18.75 -3.88 -15.64
CA TYR A 32 -20.14 -3.94 -16.09
C TYR A 32 -20.86 -2.60 -16.06
N GLU A 33 -21.73 -2.39 -17.03
CA GLU A 33 -22.76 -1.39 -16.88
C GLU A 33 -23.83 -1.99 -15.96
N GLY A 34 -24.18 -1.25 -14.92
CA GLY A 34 -25.18 -1.73 -13.99
C GLY A 34 -26.20 -0.68 -13.62
N VAL A 35 -27.12 -1.09 -12.76
CA VAL A 35 -28.16 -0.20 -12.30
C VAL A 35 -28.27 -0.30 -10.79
N TRP A 36 -28.10 0.85 -10.13
CA TRP A 36 -28.32 0.96 -8.69
C TRP A 36 -29.81 1.19 -8.47
N LYS A 37 -30.52 0.11 -8.16
CA LYS A 37 -32.00 0.11 -8.21
C LYS A 37 -32.74 1.20 -7.42
N LYS A 38 -32.39 1.40 -6.16
CA LYS A 38 -33.10 2.42 -5.36
C LYS A 38 -32.86 3.87 -5.79
N TYR A 39 -32.01 4.09 -6.79
CA TYR A 39 -31.87 5.44 -7.36
C TYR A 39 -32.13 5.41 -8.86
N SER A 40 -32.51 4.24 -9.37
CA SER A 40 -32.66 4.03 -10.80
C SER A 40 -31.50 4.68 -11.55
N LEU A 41 -30.30 4.24 -11.22
CA LEU A 41 -29.10 4.94 -11.66
C LEU A 41 -28.12 4.01 -12.39
N THR A 42 -27.84 4.33 -13.65
CA THR A 42 -26.80 3.60 -14.36
C THR A 42 -25.47 3.86 -13.66
N VAL A 43 -24.75 2.79 -13.39
CA VAL A 43 -23.48 2.87 -12.68
C VAL A 43 -22.48 1.93 -13.37
N ALA A 44 -21.19 2.11 -13.08
CA ALA A 44 -20.21 1.14 -13.55
C ALA A 44 -19.75 0.30 -12.38
N VAL A 45 -19.68 -1.01 -12.60
CA VAL A 45 -19.35 -1.95 -11.54
C VAL A 45 -18.12 -2.78 -11.93
N LYS A 46 -17.07 -2.69 -11.12
CA LYS A 46 -15.93 -3.58 -11.26
C LYS A 46 -16.14 -4.79 -10.36
N THR A 47 -15.83 -5.97 -10.88
CA THR A 47 -16.16 -7.21 -10.20
C THR A 47 -14.92 -8.10 -10.04
N LEU A 48 -14.92 -8.92 -8.99
CA LEU A 48 -13.87 -9.89 -8.77
C LEU A 48 -14.51 -11.24 -8.48
N LYS A 49 -14.46 -12.15 -9.46
CA LYS A 49 -15.16 -13.44 -9.38
C LYS A 49 -14.94 -14.14 -8.03
N GLU A 50 -13.74 -14.66 -7.82
CA GLU A 50 -13.38 -15.35 -6.59
C GLU A 50 -12.33 -14.58 -5.79
N ASP A 51 -11.63 -15.27 -4.89
CA ASP A 51 -10.69 -14.60 -3.97
C ASP A 51 -9.38 -14.21 -4.63
N THR A 52 -8.75 -15.15 -5.34
CA THR A 52 -7.49 -14.90 -6.07
C THR A 52 -6.40 -14.17 -5.29
N MET A 53 -5.25 -13.99 -5.94
CA MET A 53 -4.13 -13.26 -5.36
C MET A 53 -4.39 -11.77 -5.47
N GLU A 54 -5.28 -11.40 -6.38
CA GLU A 54 -5.54 -10.01 -6.72
C GLU A 54 -6.67 -9.41 -5.89
N VAL A 55 -6.92 -9.95 -4.70
CA VAL A 55 -7.93 -9.40 -3.82
C VAL A 55 -7.37 -8.23 -3.01
N GLU A 56 -6.10 -8.35 -2.63
CA GLU A 56 -5.40 -7.28 -1.95
C GLU A 56 -5.40 -6.02 -2.83
N GLU A 57 -4.99 -6.19 -4.08
CA GLU A 57 -5.10 -5.15 -5.11
C GLU A 57 -6.43 -4.43 -5.02
N PHE A 58 -7.49 -5.23 -5.04
CA PHE A 58 -8.86 -4.74 -5.08
C PHE A 58 -9.15 -3.72 -4.00
N LEU A 59 -9.05 -4.15 -2.73
CA LEU A 59 -9.42 -3.29 -1.61
C LEU A 59 -8.43 -2.13 -1.42
N LYS A 60 -7.23 -2.28 -1.99
CA LYS A 60 -6.30 -1.18 -2.05
C LYS A 60 -6.96 -0.03 -2.81
N GLU A 61 -7.41 -0.32 -4.03
CA GLU A 61 -8.20 0.62 -4.83
C GLU A 61 -9.39 1.15 -4.02
N ALA A 62 -10.24 0.24 -3.59
CA ALA A 62 -11.43 0.61 -2.82
C ALA A 62 -11.11 1.60 -1.70
N ALA A 63 -10.17 1.23 -0.82
CA ALA A 63 -9.78 2.11 0.28
C ALA A 63 -9.44 3.52 -0.21
N VAL A 64 -8.54 3.62 -1.19
CA VAL A 64 -8.06 4.91 -1.70
C VAL A 64 -9.16 5.77 -2.32
N MET A 65 -10.04 5.14 -3.10
CA MET A 65 -11.12 5.87 -3.77
C MET A 65 -12.09 6.58 -2.80
N LYS A 66 -12.21 6.07 -1.58
CA LYS A 66 -13.05 6.73 -0.56
C LYS A 66 -12.46 8.07 -0.12
N GLU A 67 -11.13 8.19 -0.18
CA GLU A 67 -10.44 9.37 0.33
C GLU A 67 -10.44 10.53 -0.66
N ILE A 68 -11.15 10.36 -1.78
CA ILE A 68 -11.03 11.31 -2.88
C ILE A 68 -12.34 11.90 -3.40
N LYS A 69 -12.34 13.21 -3.61
CA LYS A 69 -13.53 13.90 -4.09
C LYS A 69 -13.13 15.14 -4.91
N HIS A 70 -13.43 15.09 -6.21
CA HIS A 70 -13.10 16.18 -7.14
C HIS A 70 -13.94 16.03 -8.42
N PRO A 71 -14.41 17.16 -8.96
CA PRO A 71 -15.25 17.22 -10.17
C PRO A 71 -14.64 16.47 -11.39
N ASN A 72 -13.33 16.30 -11.40
CA ASN A 72 -12.68 15.66 -12.54
C ASN A 72 -11.98 14.39 -12.10
N LEU A 73 -12.45 13.83 -10.99
CA LEU A 73 -12.03 12.49 -10.57
C LEU A 73 -13.24 11.57 -10.47
N VAL A 74 -13.14 10.38 -11.04
CA VAL A 74 -14.27 9.45 -11.07
C VAL A 74 -14.83 9.15 -9.67
N GLN A 75 -16.10 9.48 -9.45
CA GLN A 75 -16.72 9.41 -8.12
C GLN A 75 -17.10 8.01 -7.66
N LEU A 76 -16.46 7.54 -6.59
CA LEU A 76 -16.85 6.27 -5.97
C LEU A 76 -18.24 6.38 -5.36
N LEU A 77 -19.06 5.36 -5.54
CA LEU A 77 -20.42 5.36 -5.00
C LEU A 77 -20.64 4.33 -3.89
N GLY A 78 -20.06 3.15 -4.07
CA GLY A 78 -20.21 2.09 -3.11
C GLY A 78 -19.26 0.94 -3.39
N VAL A 79 -19.19 0.03 -2.41
CA VAL A 79 -18.34 -1.15 -2.48
C VAL A 79 -19.05 -2.35 -1.86
N CYS A 80 -18.66 -3.55 -2.28
CA CYS A 80 -19.13 -4.79 -1.68
C CYS A 80 -17.93 -5.68 -1.44
N THR A 81 -17.52 -5.76 -0.17
CA THR A 81 -16.21 -6.31 0.16
C THR A 81 -16.25 -7.28 1.33
N ARG A 82 -17.40 -7.88 1.60
CA ARG A 82 -17.51 -8.85 2.71
C ARG A 82 -17.22 -10.27 2.24
N GLU A 83 -17.58 -10.56 0.99
CA GLU A 83 -17.34 -11.88 0.40
C GLU A 83 -17.50 -11.83 -1.12
N PRO A 84 -16.90 -12.79 -1.83
CA PRO A 84 -17.06 -12.89 -3.30
C PRO A 84 -18.52 -13.04 -3.71
N PRO A 85 -18.89 -12.44 -4.86
CA PRO A 85 -17.97 -11.63 -5.67
C PRO A 85 -17.73 -10.25 -5.05
N PHE A 86 -16.77 -9.50 -5.58
CA PHE A 86 -16.47 -8.19 -5.03
C PHE A 86 -16.86 -7.08 -5.98
N TYR A 87 -17.43 -6.01 -5.43
CA TYR A 87 -17.93 -4.89 -6.24
C TYR A 87 -17.26 -3.57 -5.88
N ILE A 88 -16.70 -2.92 -6.90
CA ILE A 88 -16.44 -1.50 -6.81
C ILE A 88 -17.46 -0.79 -7.69
N ILE A 89 -18.10 0.23 -7.15
CA ILE A 89 -19.15 0.91 -7.87
C ILE A 89 -18.87 2.40 -8.03
N THR A 90 -18.79 2.83 -9.29
CA THR A 90 -18.52 4.22 -9.61
C THR A 90 -19.65 4.81 -10.44
N GLU A 91 -19.61 6.12 -10.61
CA GLU A 91 -20.50 6.78 -11.55
C GLU A 91 -20.18 6.23 -12.94
N PHE A 92 -21.14 6.35 -13.85
CA PHE A 92 -21.01 5.82 -15.20
C PHE A 92 -20.48 6.92 -16.09
N MET A 93 -19.32 6.69 -16.71
CA MET A 93 -18.79 7.67 -17.66
C MET A 93 -19.26 7.30 -19.07
N THR A 94 -20.27 8.02 -19.54
CA THR A 94 -21.07 7.56 -20.68
C THR A 94 -20.29 7.28 -21.97
N TYR A 95 -19.28 8.09 -22.28
CA TYR A 95 -18.61 7.89 -23.56
C TYR A 95 -17.36 7.01 -23.47
N GLY A 96 -17.10 6.45 -22.28
CA GLY A 96 -15.95 5.57 -22.09
C GLY A 96 -14.60 6.29 -22.12
N ASN A 97 -13.53 5.55 -22.41
CA ASN A 97 -12.17 6.08 -22.29
C ASN A 97 -11.85 7.16 -23.31
N LEU A 98 -10.87 8.00 -22.99
CA LEU A 98 -10.58 9.20 -23.77
C LEU A 98 -9.78 8.89 -25.04
N LEU A 99 -8.98 7.82 -25.03
CA LEU A 99 -8.23 7.42 -26.22
C LEU A 99 -9.14 7.01 -27.39
N ASP A 100 -10.03 6.05 -27.14
CA ASP A 100 -11.00 5.65 -28.16
C ASP A 100 -11.87 6.83 -28.56
N TYR A 101 -12.24 7.64 -27.57
CA TYR A 101 -13.02 8.82 -27.85
C TYR A 101 -12.34 9.79 -28.85
N LEU A 102 -11.07 10.12 -28.58
CA LEU A 102 -10.31 11.02 -29.45
C LEU A 102 -10.21 10.43 -30.84
N ARG A 103 -9.93 9.13 -30.92
CA ARG A 103 -9.74 8.49 -32.22
C ARG A 103 -11.00 8.52 -33.07
N GLU A 104 -12.15 8.40 -32.42
CA GLU A 104 -13.41 8.22 -33.15
C GLU A 104 -14.22 9.49 -33.31
N CYS A 105 -13.77 10.58 -32.71
CA CYS A 105 -14.61 11.76 -32.66
C CYS A 105 -14.72 12.49 -33.98
N ASN A 106 -15.65 13.43 -33.99
CA ASN A 106 -15.79 14.39 -35.06
C ASN A 106 -14.94 15.57 -34.68
N ARG A 107 -13.83 15.76 -35.40
CA ARG A 107 -12.82 16.73 -35.03
C ARG A 107 -13.27 18.17 -35.23
N GLN A 108 -14.29 18.36 -36.07
CA GLN A 108 -14.90 19.68 -36.20
C GLN A 108 -15.64 20.02 -34.89
N GLU A 109 -16.21 18.99 -34.25
CA GLU A 109 -16.87 19.16 -32.96
C GLU A 109 -15.84 19.22 -31.83
N VAL A 110 -14.99 18.19 -31.77
CA VAL A 110 -13.93 18.11 -30.79
C VAL A 110 -12.69 18.80 -31.36
N ASN A 111 -12.77 20.13 -31.35
CA ASN A 111 -11.77 20.98 -31.96
C ASN A 111 -10.71 21.47 -30.97
N ALA A 112 -9.97 22.51 -31.36
CA ALA A 112 -8.88 23.00 -30.53
C ALA A 112 -9.36 23.54 -29.20
N VAL A 113 -10.47 24.27 -29.17
CA VAL A 113 -10.93 24.84 -27.91
C VAL A 113 -11.27 23.71 -26.96
N VAL A 114 -11.84 22.65 -27.52
CA VAL A 114 -12.24 21.50 -26.73
C VAL A 114 -11.04 20.75 -26.15
N LEU A 115 -10.00 20.53 -26.94
CA LEU A 115 -8.79 19.86 -26.45
C LEU A 115 -8.22 20.63 -25.26
N LEU A 116 -8.26 21.96 -25.35
CA LEU A 116 -7.81 22.80 -24.23
C LEU A 116 -8.67 22.57 -23.00
N TYR A 117 -9.98 22.51 -23.20
CA TYR A 117 -10.92 22.27 -22.12
C TYR A 117 -10.56 20.96 -21.44
N MET A 118 -10.21 19.95 -22.23
CA MET A 118 -9.90 18.63 -21.70
C MET A 118 -8.57 18.61 -20.94
N ALA A 119 -7.54 19.24 -21.48
CA ALA A 119 -6.28 19.38 -20.76
C ALA A 119 -6.49 20.13 -19.44
N THR A 120 -7.29 21.19 -19.47
CA THR A 120 -7.59 22.00 -18.30
C THR A 120 -8.28 21.18 -17.20
N GLN A 121 -9.24 20.35 -17.61
CA GLN A 121 -10.00 19.53 -16.67
C GLN A 121 -9.09 18.49 -16.01
N ILE A 122 -8.25 17.84 -16.81
CA ILE A 122 -7.34 16.83 -16.28
C ILE A 122 -6.33 17.45 -15.30
N SER A 123 -5.72 18.56 -15.71
CA SER A 123 -4.71 19.23 -14.89
C SER A 123 -5.34 19.72 -13.57
N SER A 124 -6.62 20.07 -13.62
CA SER A 124 -7.35 20.45 -12.39
C SER A 124 -7.39 19.27 -11.42
N ALA A 125 -7.69 18.09 -11.94
CA ALA A 125 -7.72 16.89 -11.13
C ALA A 125 -6.33 16.56 -10.53
N MET A 126 -5.29 16.64 -11.35
CA MET A 126 -3.92 16.39 -10.91
C MET A 126 -3.39 17.45 -9.93
N GLU A 127 -3.82 18.70 -10.07
CA GLU A 127 -3.49 19.72 -9.07
C GLU A 127 -4.06 19.30 -7.71
N TYR A 128 -5.27 18.77 -7.73
CA TYR A 128 -5.92 18.29 -6.52
C TYR A 128 -5.09 17.19 -5.88
N LEU A 129 -4.66 16.21 -6.68
CA LEU A 129 -3.89 15.10 -6.16
C LEU A 129 -2.52 15.57 -5.65
N GLU A 130 -1.93 16.53 -6.35
CA GLU A 130 -0.68 17.15 -5.91
C GLU A 130 -0.80 17.61 -4.46
N LYS A 131 -1.83 18.40 -4.16
CA LYS A 131 -2.06 18.95 -2.82
C LYS A 131 -2.32 17.87 -1.79
N LYS A 132 -3.19 16.92 -2.12
CA LYS A 132 -3.56 15.84 -1.19
C LYS A 132 -2.43 14.83 -1.04
N ASN A 133 -1.27 15.10 -1.63
CA ASN A 133 -0.16 14.16 -1.61
C ASN A 133 -0.50 12.77 -2.14
N PHE A 134 -1.22 12.73 -3.25
CA PHE A 134 -1.43 11.48 -3.96
C PHE A 134 -0.53 11.46 -5.20
N ILE A 135 -0.20 10.26 -5.64
CA ILE A 135 0.31 10.05 -6.99
C ILE A 135 -0.60 9.07 -7.74
N HIS A 136 -0.66 9.23 -9.05
CA HIS A 136 -1.39 8.35 -9.94
C HIS A 136 -0.36 7.48 -10.64
N ARG A 137 -0.51 6.18 -10.63
CA ARG A 137 0.56 5.38 -11.23
C ARG A 137 0.52 5.20 -12.78
N ASP A 138 -0.53 5.71 -13.42
CA ASP A 138 -0.79 5.39 -14.82
C ASP A 138 -1.58 6.48 -15.56
N LEU A 139 -1.06 7.69 -15.60
CA LEU A 139 -1.72 8.76 -16.31
C LEU A 139 -1.55 8.52 -17.82
N ALA A 140 -2.65 8.23 -18.51
CA ALA A 140 -2.66 8.08 -19.97
C ALA A 140 -4.08 8.26 -20.46
N ALA A 141 -4.25 8.59 -21.74
CA ALA A 141 -5.60 8.77 -22.28
C ALA A 141 -6.53 7.58 -21.98
N ARG A 142 -6.02 6.35 -22.07
CA ARG A 142 -6.82 5.14 -21.81
C ARG A 142 -7.38 5.12 -20.38
N ASN A 143 -6.73 5.82 -19.45
CA ASN A 143 -7.22 5.88 -18.07
C ASN A 143 -7.99 7.16 -17.73
N CYS A 144 -8.38 7.91 -18.76
CA CYS A 144 -9.29 9.02 -18.55
C CYS A 144 -10.63 8.64 -19.16
N LEU A 145 -11.70 9.10 -18.54
CA LEU A 145 -13.04 8.75 -18.97
C LEU A 145 -13.81 9.99 -19.35
N VAL A 146 -14.77 9.81 -20.24
CA VAL A 146 -15.45 10.94 -20.87
C VAL A 146 -16.97 10.83 -20.67
N GLY A 147 -17.59 11.92 -20.24
CA GLY A 147 -19.03 11.98 -20.11
C GLY A 147 -19.64 12.95 -21.11
N GLU A 148 -20.86 13.39 -20.85
CA GLU A 148 -21.57 14.34 -21.71
C GLU A 148 -20.77 15.63 -21.88
N ASN A 149 -20.82 16.21 -23.08
CA ASN A 149 -20.30 17.55 -23.33
C ASN A 149 -18.82 17.75 -22.97
N HIS A 150 -18.02 16.76 -23.33
CA HIS A 150 -16.57 16.83 -23.23
C HIS A 150 -16.09 16.91 -21.75
N LEU A 151 -16.93 16.40 -20.85
CA LEU A 151 -16.53 16.26 -19.46
C LEU A 151 -15.51 15.11 -19.40
N VAL A 152 -14.36 15.40 -18.77
CA VAL A 152 -13.31 14.40 -18.60
C VAL A 152 -13.02 14.19 -17.12
N LYS A 153 -12.90 12.93 -16.73
CA LYS A 153 -12.50 12.58 -15.38
C LYS A 153 -11.36 11.58 -15.42
N VAL A 154 -10.39 11.75 -14.51
CA VAL A 154 -9.31 10.78 -14.37
C VAL A 154 -9.81 9.58 -13.56
N ALA A 155 -9.51 8.37 -14.05
CA ALA A 155 -9.83 7.15 -13.32
C ALA A 155 -8.85 7.06 -12.16
N ASP A 156 -9.36 6.64 -11.00
CA ASP A 156 -8.60 6.81 -9.78
C ASP A 156 -8.47 5.55 -8.95
N PHE A 157 -8.70 4.39 -9.58
CA PHE A 157 -8.49 3.12 -8.88
C PHE A 157 -6.98 2.87 -8.65
N GLY A 158 -6.14 3.44 -9.51
CA GLY A 158 -4.71 3.25 -9.38
C GLY A 158 -3.97 4.40 -8.69
N LEU A 159 -4.50 4.87 -7.56
CA LEU A 159 -3.85 5.95 -6.82
C LEU A 159 -3.08 5.45 -5.61
N SER A 160 -1.99 6.14 -5.30
CA SER A 160 -1.22 5.86 -4.09
C SER A 160 -1.14 7.13 -3.28
N ARG A 161 -1.39 7.03 -1.98
CA ARG A 161 -1.14 8.16 -1.08
C ARG A 161 0.33 8.18 -0.65
N LEU A 162 1.00 9.32 -0.81
CA LEU A 162 2.31 9.50 -0.21
C LEU A 162 2.17 9.60 1.32
N MET A 163 2.54 8.53 2.02
CA MET A 163 2.39 8.50 3.49
C MET A 163 3.45 9.33 4.20
N THR A 164 4.70 9.20 3.77
CA THR A 164 5.82 9.91 4.40
C THR A 164 6.87 10.37 3.39
N GLY A 165 6.68 11.53 2.80
CA GLY A 165 7.70 12.03 1.90
C GLY A 165 7.26 12.22 0.46
N ASP A 166 8.22 12.08 -0.45
CA ASP A 166 8.11 12.58 -1.82
C ASP A 166 7.85 11.52 -2.86
N THR A 167 8.50 10.38 -2.70
CA THR A 167 8.55 9.38 -3.75
C THR A 167 8.07 8.04 -3.26
N TYR A 168 7.32 7.37 -4.14
CA TYR A 168 6.84 6.03 -3.92
C TYR A 168 7.77 5.10 -4.69
N THR A 169 8.04 3.93 -4.14
CA THR A 169 8.87 2.95 -4.82
C THR A 169 8.01 1.77 -5.18
N ALA A 170 7.96 1.41 -6.47
CA ALA A 170 7.20 0.23 -6.89
C ALA A 170 8.01 -1.04 -6.58
N HIS A 171 7.33 -2.17 -6.45
CA HIS A 171 8.02 -3.41 -6.11
C HIS A 171 8.95 -3.80 -7.26
N ALA A 172 10.06 -4.45 -6.93
CA ALA A 172 10.99 -4.90 -7.96
C ALA A 172 10.29 -5.87 -8.91
N GLY A 173 10.62 -5.77 -10.20
CA GLY A 173 10.00 -6.62 -11.19
C GLY A 173 8.70 -6.05 -11.74
N ALA A 174 8.27 -4.92 -11.20
CA ALA A 174 7.07 -4.26 -11.71
C ALA A 174 7.26 -3.82 -13.16
N LYS A 175 6.24 -4.05 -13.99
CA LYS A 175 6.25 -3.59 -15.37
C LYS A 175 5.47 -2.29 -15.50
N PHE A 176 6.00 -1.33 -16.26
CA PHE A 176 5.30 -0.06 -16.50
C PHE A 176 5.03 0.14 -17.99
N PRO A 177 4.04 0.98 -18.33
CA PRO A 177 3.83 1.36 -19.73
C PRO A 177 4.99 2.25 -20.14
N ILE A 178 5.99 1.64 -20.77
CA ILE A 178 7.25 2.31 -21.03
C ILE A 178 7.11 3.73 -21.58
N LYS A 179 6.29 3.89 -22.61
CA LYS A 179 6.16 5.18 -23.31
C LYS A 179 5.55 6.36 -22.54
N TRP A 180 4.90 6.09 -21.41
CA TRP A 180 4.35 7.15 -20.57
C TRP A 180 5.21 7.40 -19.30
N THR A 181 6.28 6.64 -19.11
CA THR A 181 6.90 6.55 -17.79
C THR A 181 8.18 7.39 -17.62
N ALA A 182 8.20 8.23 -16.58
CA ALA A 182 9.38 9.06 -16.31
C ALA A 182 10.68 8.26 -16.25
N PRO A 183 11.78 8.85 -16.74
CA PRO A 183 13.13 8.24 -16.66
C PRO A 183 13.45 7.68 -15.25
N GLU A 184 13.21 8.47 -14.19
CA GLU A 184 13.63 8.01 -12.87
C GLU A 184 12.80 6.78 -12.47
N SER A 185 11.58 6.69 -13.02
CA SER A 185 10.70 5.54 -12.77
C SER A 185 11.17 4.30 -13.49
N LEU A 186 11.54 4.46 -14.76
CA LEU A 186 12.09 3.34 -15.54
C LEU A 186 13.41 2.85 -14.94
N ALA A 187 14.24 3.80 -14.53
CA ALA A 187 15.58 3.48 -14.05
C ALA A 187 15.58 2.87 -12.65
N TYR A 188 14.94 3.55 -11.70
CA TYR A 188 15.03 3.20 -10.28
C TYR A 188 13.71 2.77 -9.61
N ASN A 189 12.61 2.81 -10.34
CA ASN A 189 11.32 2.43 -9.82
C ASN A 189 10.71 3.44 -8.87
N LYS A 190 11.11 4.70 -9.04
CA LYS A 190 10.65 5.80 -8.18
C LYS A 190 9.57 6.61 -8.87
N PHE A 191 8.44 6.78 -8.20
CA PHE A 191 7.35 7.61 -8.69
C PHE A 191 7.10 8.76 -7.74
N SER A 192 6.72 9.90 -8.30
CA SER A 192 6.44 11.07 -7.50
C SER A 192 5.47 11.91 -8.30
N ILE A 193 5.07 13.04 -7.76
CA ILE A 193 4.09 13.85 -8.46
C ILE A 193 4.72 14.40 -9.75
N LYS A 194 6.05 14.54 -9.73
CA LYS A 194 6.80 14.97 -10.92
C LYS A 194 6.87 13.88 -11.99
N SER A 195 6.78 12.60 -11.59
CA SER A 195 6.66 11.49 -12.54
C SER A 195 5.33 11.55 -13.26
N ASP A 196 4.30 12.02 -12.55
CA ASP A 196 2.96 12.17 -13.09
C ASP A 196 2.97 13.32 -14.07
N VAL A 197 3.70 14.36 -13.72
CA VAL A 197 3.83 15.53 -14.58
C VAL A 197 4.45 15.10 -15.92
N TRP A 198 5.41 14.18 -15.85
CA TRP A 198 6.01 13.67 -17.06
C TRP A 198 4.95 12.93 -17.91
N ALA A 199 4.27 11.98 -17.26
CA ALA A 199 3.25 11.19 -17.90
C ALA A 199 2.19 12.12 -18.51
N PHE A 200 1.89 13.20 -17.78
CA PHE A 200 0.90 14.19 -18.22
C PHE A 200 1.33 14.84 -19.55
N GLY A 201 2.62 15.11 -19.69
CA GLY A 201 3.19 15.56 -20.94
C GLY A 201 2.82 14.60 -22.06
N VAL A 202 2.98 13.31 -21.82
CA VAL A 202 2.66 12.33 -22.85
C VAL A 202 1.15 12.41 -23.16
N LEU A 203 0.34 12.43 -22.11
CA LEU A 203 -1.09 12.61 -22.23
C LEU A 203 -1.48 13.82 -23.12
N LEU A 204 -0.80 14.94 -22.93
CA LEU A 204 -1.02 16.11 -23.78
C LEU A 204 -0.74 15.79 -25.24
N TRP A 205 0.28 14.97 -25.48
CA TRP A 205 0.63 14.63 -26.84
C TRP A 205 -0.47 13.75 -27.46
N GLU A 206 -1.00 12.83 -26.66
CA GLU A 206 -2.11 11.97 -27.09
C GLU A 206 -3.30 12.83 -27.44
N ILE A 207 -3.56 13.84 -26.61
CA ILE A 207 -4.71 14.68 -26.86
C ILE A 207 -4.48 15.48 -28.13
N ALA A 208 -3.31 16.10 -28.26
CA ALA A 208 -3.00 16.90 -29.44
C ALA A 208 -3.05 16.10 -30.76
N THR A 209 -2.73 14.80 -30.72
CA THR A 209 -2.78 13.96 -31.92
C THR A 209 -4.05 13.16 -32.05
N TYR A 210 -5.08 13.51 -31.29
CA TYR A 210 -6.30 12.70 -31.31
C TYR A 210 -6.03 11.22 -31.09
N GLY A 211 -5.06 10.92 -30.23
CA GLY A 211 -4.88 9.54 -29.77
C GLY A 211 -3.90 8.69 -30.57
N MET A 212 -2.86 9.31 -31.12
CA MET A 212 -1.77 8.53 -31.73
C MET A 212 -0.94 7.88 -30.63
N SER A 213 -0.38 6.72 -30.94
CA SER A 213 0.61 6.12 -30.07
C SER A 213 1.86 7.00 -29.91
N PRO A 214 2.34 7.16 -28.68
CA PRO A 214 3.56 7.94 -28.42
C PRO A 214 4.82 7.29 -29.02
N TYR A 215 5.85 8.08 -29.30
CA TYR A 215 7.10 7.60 -29.93
C TYR A 215 6.83 6.61 -31.06
N PRO A 216 6.10 7.05 -32.11
CA PRO A 216 5.64 6.15 -33.19
C PRO A 216 6.81 5.38 -33.83
N GLY A 217 6.64 4.06 -33.89
CA GLY A 217 7.59 3.19 -34.55
C GLY A 217 8.87 3.01 -33.75
N ILE A 218 9.01 3.75 -32.65
CA ILE A 218 10.21 3.56 -31.86
C ILE A 218 10.16 2.34 -30.94
N ASP A 219 11.19 1.52 -31.10
CA ASP A 219 11.42 0.31 -30.33
C ASP A 219 11.43 0.59 -28.81
N LEU A 220 10.48 -0.01 -28.09
CA LEU A 220 10.39 0.15 -26.64
C LEU A 220 11.74 0.04 -25.92
N SER A 221 12.57 -0.90 -26.36
CA SER A 221 13.80 -1.22 -25.63
C SER A 221 14.85 -0.12 -25.73
N GLN A 222 14.61 0.84 -26.64
CA GLN A 222 15.54 1.93 -26.88
C GLN A 222 15.07 3.31 -26.39
N VAL A 223 13.81 3.38 -25.94
CA VAL A 223 13.24 4.63 -25.46
C VAL A 223 14.08 5.28 -24.33
N TYR A 224 14.44 4.49 -23.32
CA TYR A 224 15.21 5.03 -22.21
C TYR A 224 16.54 5.68 -22.67
N GLU A 225 17.32 4.93 -23.46
CA GLU A 225 18.56 5.45 -24.03
C GLU A 225 18.34 6.77 -24.76
N LEU A 226 17.33 6.81 -25.63
CA LEU A 226 16.95 8.04 -26.32
C LEU A 226 16.65 9.23 -25.38
N LEU A 227 15.85 8.97 -24.35
CA LEU A 227 15.52 9.99 -23.36
C LEU A 227 16.80 10.47 -22.68
N GLU A 228 17.71 9.53 -22.43
CA GLU A 228 19.01 9.89 -21.86
C GLU A 228 19.73 10.94 -22.71
N LYS A 229 19.57 10.85 -24.03
CA LYS A 229 20.32 11.71 -24.94
C LYS A 229 19.47 12.89 -25.39
N ASP A 230 18.47 13.20 -24.58
CA ASP A 230 17.59 14.34 -24.79
C ASP A 230 16.77 14.26 -26.07
N TYR A 231 16.48 13.04 -26.53
CA TYR A 231 15.45 12.88 -27.55
C TYR A 231 14.06 13.02 -26.89
N ARG A 232 13.20 13.82 -27.51
CA ARG A 232 11.83 13.95 -27.08
C ARG A 232 10.93 13.94 -28.31
N MET A 233 9.64 13.69 -28.12
CA MET A 233 8.71 13.74 -29.24
C MET A 233 8.63 15.15 -29.82
N GLU A 234 8.40 15.22 -31.13
CA GLU A 234 8.25 16.49 -31.81
C GLU A 234 6.85 17.06 -31.64
N ARG A 235 6.75 18.37 -31.86
CA ARG A 235 5.47 19.04 -31.82
C ARG A 235 4.54 18.40 -32.82
N PRO A 236 3.38 17.93 -32.34
CA PRO A 236 2.38 17.39 -33.26
C PRO A 236 1.86 18.48 -34.20
N GLU A 237 1.26 18.09 -35.31
CA GLU A 237 0.73 19.06 -36.27
C GLU A 237 -0.47 19.80 -35.68
N GLY A 238 -0.48 21.11 -35.84
CA GLY A 238 -1.60 21.92 -35.36
C GLY A 238 -1.55 22.21 -33.87
N CYS A 239 -0.56 21.68 -33.16
CA CYS A 239 -0.43 21.91 -31.73
C CYS A 239 0.14 23.30 -31.46
N PRO A 240 -0.60 24.13 -30.70
CA PRO A 240 -0.08 25.47 -30.38
C PRO A 240 1.30 25.40 -29.70
N GLU A 241 2.19 26.30 -30.10
CA GLU A 241 3.55 26.38 -29.56
C GLU A 241 3.59 26.38 -28.01
N LYS A 242 2.72 27.15 -27.37
CA LYS A 242 2.63 27.16 -25.91
C LYS A 242 2.32 25.77 -25.36
N VAL A 243 1.41 25.07 -26.01
CA VAL A 243 1.06 23.73 -25.56
C VAL A 243 2.25 22.79 -25.64
N TYR A 244 3.02 22.88 -26.71
CA TYR A 244 4.23 22.07 -26.85
C TYR A 244 5.33 22.48 -25.87
N GLU A 245 5.42 23.78 -25.58
CA GLU A 245 6.36 24.25 -24.57
C GLU A 245 6.09 23.58 -23.23
N LEU A 246 4.82 23.55 -22.82
CA LEU A 246 4.44 22.87 -21.58
C LEU A 246 4.80 21.39 -21.63
N MET A 247 4.49 20.74 -22.76
CA MET A 247 4.86 19.34 -22.98
C MET A 247 6.34 19.20 -22.68
N ARG A 248 7.14 20.05 -23.33
CA ARG A 248 8.59 20.01 -23.17
C ARG A 248 9.04 20.26 -21.72
N ALA A 249 8.39 21.19 -21.04
CA ALA A 249 8.66 21.41 -19.63
C ALA A 249 8.34 20.15 -18.81
N CYS A 250 7.23 19.50 -19.13
CA CYS A 250 6.89 18.22 -18.48
C CYS A 250 7.98 17.17 -18.66
N TRP A 251 8.71 17.24 -19.79
CA TRP A 251 9.69 16.19 -20.09
C TRP A 251 11.14 16.55 -19.76
N GLN A 252 11.33 17.60 -18.95
CA GLN A 252 12.64 17.88 -18.35
C GLN A 252 13.22 16.62 -17.73
N TRP A 253 14.52 16.41 -17.93
CA TRP A 253 15.18 15.25 -17.35
C TRP A 253 15.12 15.22 -15.81
N ASN A 254 15.38 16.35 -15.17
CA ASN A 254 15.23 16.42 -13.71
C ASN A 254 13.79 16.66 -13.31
N PRO A 255 13.24 15.77 -12.47
CA PRO A 255 11.92 15.93 -11.83
C PRO A 255 11.72 17.34 -11.28
N SER A 256 12.72 17.86 -10.57
CA SER A 256 12.63 19.18 -9.93
C SER A 256 12.52 20.33 -10.92
N ASP A 257 13.06 20.15 -12.13
CA ASP A 257 12.93 21.15 -13.20
C ASP A 257 11.54 21.15 -13.84
N ARG A 258 10.77 20.08 -13.63
CA ARG A 258 9.42 20.00 -14.18
C ARG A 258 8.48 20.91 -13.39
N PRO A 259 7.49 21.50 -14.08
CA PRO A 259 6.54 22.38 -13.40
C PRO A 259 5.61 21.61 -12.46
N SER A 260 4.96 22.31 -11.52
CA SER A 260 3.94 21.70 -10.68
C SER A 260 2.62 21.63 -11.45
N PHE A 261 1.72 20.78 -10.97
CA PHE A 261 0.37 20.74 -11.56
C PHE A 261 -0.41 22.02 -11.28
N ALA A 262 -0.05 22.75 -10.21
CA ALA A 262 -0.65 24.05 -9.98
C ALA A 262 -0.31 24.99 -11.13
N GLU A 263 0.98 25.04 -11.48
CA GLU A 263 1.45 25.83 -12.62
C GLU A 263 0.79 25.39 -13.94
N ILE A 264 0.75 24.08 -14.16
CA ILE A 264 0.20 23.55 -15.40
C ILE A 264 -1.28 23.94 -15.52
N HIS A 265 -2.04 23.64 -14.49
CA HIS A 265 -3.45 24.01 -14.49
C HIS A 265 -3.70 25.51 -14.70
N GLN A 266 -2.96 26.34 -13.99
CA GLN A 266 -3.07 27.79 -14.18
C GLN A 266 -2.85 28.17 -15.64
N ALA A 267 -1.78 27.64 -16.23
CA ALA A 267 -1.47 27.90 -17.62
C ALA A 267 -2.60 27.49 -18.57
N PHE A 268 -3.11 26.28 -18.41
CA PHE A 268 -4.20 25.84 -19.29
C PHE A 268 -5.49 26.63 -19.05
N GLU A 269 -5.77 26.96 -17.80
CA GLU A 269 -6.94 27.80 -17.51
C GLU A 269 -6.87 29.12 -18.30
N THR A 270 -5.70 29.74 -18.29
CA THR A 270 -5.51 30.97 -19.04
C THR A 270 -5.70 30.78 -20.55
N MET A 271 -5.17 29.70 -21.10
CA MET A 271 -5.26 29.47 -22.54
C MET A 271 -6.69 29.18 -22.93
N PHE A 272 -7.41 28.51 -22.04
CA PHE A 272 -8.79 28.15 -22.30
C PHE A 272 -9.68 29.40 -22.26
N GLN A 273 -9.39 30.33 -21.36
CA GLN A 273 -10.14 31.58 -21.29
C GLN A 273 -9.95 32.43 -22.54
N GLU A 274 -8.72 32.47 -23.03
CA GLU A 274 -8.42 33.25 -24.21
C GLU A 274 -9.02 32.62 -25.47
N SER A 275 -8.95 31.29 -25.56
CA SER A 275 -9.54 30.56 -26.68
C SER A 275 -11.03 30.84 -26.74
N SER A 276 -11.66 30.96 -25.58
CA SER A 276 -13.06 31.32 -25.49
C SER A 276 -13.19 32.84 -25.45
N ILE A 277 -12.69 33.49 -26.49
CA ILE A 277 -12.71 34.96 -26.61
C ILE A 277 -11.93 35.41 -27.86
N ASP B 8 -7.17 -27.77 0.83
CA ASP B 8 -8.26 -26.81 0.59
C ASP B 8 -7.88 -25.78 -0.46
N LYS B 9 -8.56 -24.64 -0.45
CA LYS B 9 -8.29 -23.58 -1.42
C LYS B 9 -6.84 -23.08 -1.32
N TRP B 10 -6.20 -23.34 -0.18
CA TRP B 10 -4.87 -22.80 0.08
C TRP B 10 -3.77 -23.70 -0.44
N GLU B 11 -4.15 -24.91 -0.85
CA GLU B 11 -3.16 -25.88 -1.31
C GLU B 11 -2.55 -25.54 -2.66
N MET B 12 -1.23 -25.60 -2.74
CA MET B 12 -0.49 -25.36 -3.96
C MET B 12 0.31 -26.59 -4.36
N GLU B 13 0.97 -26.52 -5.51
CA GLU B 13 1.85 -27.58 -5.95
C GLU B 13 3.30 -27.10 -5.95
N ARG B 14 4.17 -27.83 -5.26
CA ARG B 14 5.60 -27.48 -5.17
C ARG B 14 6.24 -27.18 -6.53
N THR B 15 5.63 -27.68 -7.61
CA THR B 15 6.12 -27.43 -8.95
C THR B 15 6.02 -25.95 -9.30
N ASP B 16 5.01 -25.29 -8.72
CA ASP B 16 4.76 -23.86 -8.96
C ASP B 16 5.85 -22.95 -8.44
N ILE B 17 6.64 -23.42 -7.48
CA ILE B 17 7.63 -22.56 -6.83
C ILE B 17 9.06 -22.95 -7.20
N THR B 18 9.80 -21.97 -7.68
CA THR B 18 11.23 -22.13 -7.84
C THR B 18 11.90 -21.65 -6.57
N MET B 19 12.53 -22.57 -5.85
CA MET B 19 13.26 -22.19 -4.66
C MET B 19 14.55 -21.51 -5.06
N LYS B 20 14.97 -20.54 -4.27
CA LYS B 20 16.22 -19.82 -4.52
C LYS B 20 17.07 -19.81 -3.26
N HIS B 21 17.68 -18.66 -2.99
CA HIS B 21 18.63 -18.51 -1.89
C HIS B 21 17.99 -18.65 -0.50
N LYS B 22 18.73 -19.23 0.43
CA LYS B 22 18.26 -19.35 1.80
C LYS B 22 18.36 -18.02 2.52
N LEU B 23 17.28 -17.63 3.21
CA LEU B 23 17.24 -16.35 3.93
C LEU B 23 17.55 -16.52 5.41
N GLY B 24 17.28 -17.71 5.94
CA GLY B 24 17.57 -18.04 7.33
C GLY B 24 16.74 -19.19 7.85
N GLY B 25 16.53 -19.22 9.16
CA GLY B 25 15.67 -20.23 9.78
C GLY B 25 16.38 -21.03 10.85
N GLY B 26 17.12 -22.05 10.42
CA GLY B 26 17.83 -22.92 11.34
C GLY B 26 16.92 -23.95 11.98
N GLY B 29 13.43 -26.38 10.40
CA GLY B 29 12.80 -25.53 9.41
C GLY B 29 13.74 -24.54 8.77
N GLU B 30 13.27 -23.84 7.74
CA GLU B 30 14.07 -22.82 7.07
C GLU B 30 13.24 -21.93 6.14
N VAL B 31 13.74 -20.73 5.86
CA VAL B 31 13.03 -19.77 5.05
C VAL B 31 13.88 -19.36 3.85
N TYR B 32 13.34 -19.61 2.66
CA TYR B 32 14.00 -19.28 1.40
C TYR B 32 13.29 -18.17 0.66
N GLU B 33 14.03 -17.54 -0.25
CA GLU B 33 13.42 -16.66 -1.23
C GLU B 33 13.01 -17.56 -2.38
N GLY B 34 11.77 -17.42 -2.84
CA GLY B 34 11.26 -18.27 -3.89
C GLY B 34 10.52 -17.43 -4.90
N VAL B 35 10.18 -18.06 -6.02
CA VAL B 35 9.41 -17.40 -7.06
C VAL B 35 8.22 -18.27 -7.43
N TRP B 36 7.03 -17.67 -7.38
CA TRP B 36 5.84 -18.36 -7.81
C TRP B 36 5.71 -18.06 -9.29
N LYS B 37 6.12 -19.01 -10.12
CA LYS B 37 6.20 -18.82 -11.58
C LYS B 37 4.85 -18.43 -12.17
N LYS B 38 3.79 -19.05 -11.69
CA LYS B 38 2.44 -18.74 -12.12
C LYS B 38 2.19 -17.23 -12.21
N TYR B 39 2.65 -16.49 -11.20
CA TYR B 39 2.44 -15.04 -11.17
C TYR B 39 3.74 -14.26 -11.26
N SER B 40 4.81 -14.94 -11.65
CA SER B 40 6.14 -14.33 -11.71
C SER B 40 6.43 -13.50 -10.45
N LEU B 41 6.11 -14.08 -9.30
CA LEU B 41 6.07 -13.35 -8.03
C LEU B 41 7.09 -13.88 -7.00
N THR B 42 7.94 -12.99 -6.49
CA THR B 42 8.83 -13.33 -5.38
C THR B 42 8.03 -13.59 -4.10
N VAL B 43 8.38 -14.66 -3.39
CA VAL B 43 7.66 -15.03 -2.18
C VAL B 43 8.62 -15.50 -1.11
N ALA B 44 8.15 -15.58 0.14
CA ALA B 44 8.93 -16.21 1.19
C ALA B 44 8.40 -17.62 1.37
N VAL B 45 9.31 -18.58 1.55
CA VAL B 45 8.89 -19.97 1.68
C VAL B 45 9.49 -20.64 2.92
N LYS B 46 8.65 -21.08 3.86
CA LYS B 46 9.15 -21.82 5.01
C LYS B 46 8.94 -23.32 4.81
N THR B 47 10.00 -24.09 5.01
CA THR B 47 9.96 -25.52 4.76
C THR B 47 10.12 -26.32 6.04
N LEU B 48 9.35 -27.39 6.18
CA LEU B 48 9.51 -28.28 7.32
C LEU B 48 10.03 -29.64 6.88
N LYS B 49 11.31 -29.91 7.15
CA LYS B 49 11.91 -31.21 6.85
C LYS B 49 11.14 -32.28 7.61
N GLU B 50 11.48 -33.55 7.42
CA GLU B 50 10.94 -34.58 8.28
C GLU B 50 12.00 -35.07 9.27
N ASP B 51 11.79 -36.26 9.84
CA ASP B 51 12.47 -36.63 11.07
C ASP B 51 12.23 -35.44 11.99
N THR B 52 10.97 -35.05 12.09
CA THR B 52 10.56 -33.89 12.85
C THR B 52 9.23 -34.16 13.55
N MET B 53 9.01 -33.51 14.68
CA MET B 53 7.75 -33.60 15.41
C MET B 53 6.84 -32.46 14.98
N GLU B 54 7.45 -31.29 14.85
CA GLU B 54 6.77 -30.01 14.75
C GLU B 54 5.67 -29.88 13.70
N VAL B 55 5.43 -30.93 12.91
CA VAL B 55 4.35 -30.88 11.93
C VAL B 55 3.09 -30.31 12.58
N GLU B 56 2.84 -30.70 13.83
CA GLU B 56 1.67 -30.22 14.56
C GLU B 56 1.60 -28.70 14.62
N GLU B 57 2.63 -28.07 15.17
CA GLU B 57 2.60 -26.62 15.36
C GLU B 57 2.76 -25.90 14.01
N PHE B 58 3.47 -26.53 13.09
CA PHE B 58 3.61 -26.01 11.74
C PHE B 58 2.24 -25.87 11.06
N LEU B 59 1.43 -26.93 11.11
CA LEU B 59 0.08 -26.89 10.57
C LEU B 59 -0.76 -25.82 11.25
N LYS B 60 -0.78 -25.83 12.58
CA LYS B 60 -1.56 -24.82 13.31
C LYS B 60 -1.10 -23.40 13.04
N GLU B 61 0.23 -23.23 12.93
CA GLU B 61 0.86 -22.03 12.40
C GLU B 61 0.14 -21.60 11.11
N ALA B 62 0.06 -22.52 10.15
CA ALA B 62 -0.61 -22.28 8.87
C ALA B 62 -2.12 -22.00 9.01
N ALA B 63 -2.78 -22.76 9.87
CA ALA B 63 -4.19 -22.56 10.15
C ALA B 63 -4.49 -21.12 10.63
N VAL B 64 -3.77 -20.65 11.63
CA VAL B 64 -3.96 -19.28 12.11
C VAL B 64 -3.81 -18.32 10.95
N MET B 65 -2.71 -18.49 10.21
CA MET B 65 -2.41 -17.61 9.10
C MET B 65 -3.55 -17.47 8.08
N LYS B 66 -4.28 -18.56 7.84
CA LYS B 66 -5.42 -18.53 6.90
C LYS B 66 -6.56 -17.60 7.36
N GLU B 67 -6.59 -17.28 8.64
CA GLU B 67 -7.70 -16.52 9.20
C GLU B 67 -7.38 -15.04 9.37
N ILE B 68 -6.11 -14.67 9.24
CA ILE B 68 -5.77 -13.27 9.46
C ILE B 68 -5.71 -12.49 8.15
N LYS B 69 -6.34 -11.33 8.17
CA LYS B 69 -6.43 -10.51 6.98
C LYS B 69 -6.34 -9.05 7.40
N HIS B 70 -5.16 -8.48 7.28
CA HIS B 70 -4.96 -7.10 7.67
C HIS B 70 -3.77 -6.55 6.87
N PRO B 71 -3.78 -5.24 6.57
CA PRO B 71 -2.73 -4.59 5.77
C PRO B 71 -1.35 -4.60 6.46
N ASN B 72 -1.36 -4.84 7.77
CA ASN B 72 -0.12 -4.77 8.54
C ASN B 72 0.22 -6.09 9.22
N LEU B 73 -0.46 -7.15 8.78
CA LEU B 73 -0.08 -8.49 9.18
C LEU B 73 0.35 -9.27 7.94
N VAL B 74 1.43 -10.04 8.06
CA VAL B 74 1.93 -10.77 6.91
C VAL B 74 0.83 -11.63 6.28
N GLN B 75 0.73 -11.57 4.96
CA GLN B 75 -0.34 -12.26 4.23
C GLN B 75 0.10 -13.63 3.73
N LEU B 76 -0.58 -14.67 4.21
CA LEU B 76 -0.37 -16.03 3.70
C LEU B 76 -0.82 -16.14 2.24
N LEU B 77 -0.05 -16.86 1.42
CA LEU B 77 -0.42 -17.05 0.01
C LEU B 77 -0.82 -18.48 -0.32
N GLY B 78 -0.23 -19.44 0.37
CA GLY B 78 -0.55 -20.84 0.12
C GLY B 78 0.26 -21.79 0.98
N VAL B 79 -0.06 -23.07 0.85
CA VAL B 79 0.62 -24.11 1.62
C VAL B 79 0.83 -25.35 0.76
N CYS B 80 1.78 -26.18 1.14
CA CYS B 80 1.98 -27.48 0.51
C CYS B 80 2.01 -28.52 1.62
N THR B 81 0.87 -29.13 1.89
CA THR B 81 0.78 -30.05 3.02
C THR B 81 0.22 -31.42 2.66
N ARG B 82 0.87 -32.06 1.69
CA ARG B 82 0.54 -33.44 1.34
C ARG B 82 1.79 -34.30 1.46
N GLU B 83 2.85 -33.85 0.80
CA GLU B 83 4.12 -34.57 0.76
C GLU B 83 5.25 -33.69 1.27
N PRO B 84 5.96 -34.16 2.30
CA PRO B 84 7.10 -33.42 2.86
C PRO B 84 8.22 -33.23 1.84
N PRO B 85 9.02 -32.16 1.98
CA PRO B 85 8.88 -31.17 3.06
C PRO B 85 7.73 -30.21 2.78
N PHE B 86 6.95 -29.86 3.81
CA PHE B 86 5.82 -28.99 3.61
C PHE B 86 6.24 -27.52 3.46
N TYR B 87 5.45 -26.77 2.70
CA TYR B 87 5.73 -25.35 2.49
C TYR B 87 4.66 -24.48 3.13
N ILE B 88 5.11 -23.35 3.67
CA ILE B 88 4.24 -22.21 3.97
C ILE B 88 4.74 -21.08 3.08
N ILE B 89 3.86 -20.54 2.25
CA ILE B 89 4.23 -19.48 1.33
C ILE B 89 3.54 -18.18 1.72
N THR B 90 4.33 -17.13 1.91
CA THR B 90 3.77 -15.82 2.22
C THR B 90 4.30 -14.80 1.25
N GLU B 91 3.73 -13.59 1.30
CA GLU B 91 4.33 -12.46 0.62
C GLU B 91 5.80 -12.30 1.05
N PHE B 92 6.58 -11.71 0.15
CA PHE B 92 7.97 -11.43 0.41
C PHE B 92 8.05 -10.00 0.97
N MET B 93 8.65 -9.86 2.15
CA MET B 93 8.83 -8.54 2.73
C MET B 93 10.24 -8.07 2.43
N THR B 94 10.36 -7.29 1.37
CA THR B 94 11.65 -7.07 0.72
C THR B 94 12.83 -6.68 1.62
N TYR B 95 12.59 -5.87 2.64
CA TYR B 95 13.71 -5.39 3.42
C TYR B 95 14.01 -6.19 4.68
N GLY B 96 13.33 -7.32 4.84
CA GLY B 96 13.50 -8.13 6.05
C GLY B 96 13.06 -7.49 7.37
N ASN B 97 13.60 -8.02 8.47
CA ASN B 97 13.15 -7.69 9.82
C ASN B 97 13.38 -6.23 10.23
N LEU B 98 12.44 -5.69 11.01
CA LEU B 98 12.46 -4.28 11.37
C LEU B 98 13.70 -3.89 12.18
N LEU B 99 14.16 -4.78 13.08
CA LEU B 99 15.32 -4.46 13.91
C LEU B 99 16.62 -4.20 13.10
N ASP B 100 16.94 -5.07 12.16
CA ASP B 100 18.14 -4.84 11.34
C ASP B 100 17.92 -3.67 10.39
N TYR B 101 16.66 -3.47 9.98
CA TYR B 101 16.32 -2.37 9.09
C TYR B 101 16.57 -1.01 9.77
N LEU B 102 16.21 -0.93 11.05
CA LEU B 102 16.40 0.30 11.80
C LEU B 102 17.88 0.57 12.05
N ARG B 103 18.62 -0.47 12.40
CA ARG B 103 20.04 -0.32 12.68
C ARG B 103 20.84 0.19 11.47
N GLU B 104 20.38 -0.15 10.27
CA GLU B 104 21.19 0.11 9.07
C GLU B 104 20.65 1.19 8.14
N CYS B 105 19.49 1.75 8.47
CA CYS B 105 18.81 2.66 7.57
C CYS B 105 19.53 4.02 7.53
N ASN B 106 19.18 4.83 6.54
CA ASN B 106 19.65 6.21 6.51
C ASN B 106 18.66 7.06 7.27
N ARG B 107 19.09 7.68 8.36
CA ARG B 107 18.15 8.32 9.29
C ARG B 107 17.49 9.61 8.83
N GLN B 108 17.99 10.20 7.74
CA GLN B 108 17.29 11.34 7.14
C GLN B 108 16.13 10.88 6.27
N GLU B 109 16.25 9.67 5.72
CA GLU B 109 15.16 9.02 5.01
C GLU B 109 14.17 8.46 6.02
N VAL B 110 14.66 7.55 6.86
CA VAL B 110 13.88 6.97 7.94
C VAL B 110 13.92 7.92 9.13
N ASN B 111 13.15 8.99 9.05
CA ASN B 111 13.20 10.05 10.04
C ASN B 111 12.06 10.00 11.07
N ALA B 112 11.89 11.08 11.82
CA ALA B 112 10.93 11.13 12.92
C ALA B 112 9.51 10.83 12.45
N VAL B 113 9.15 11.38 11.30
CA VAL B 113 7.84 11.14 10.73
C VAL B 113 7.69 9.65 10.41
N VAL B 114 8.69 9.11 9.73
CA VAL B 114 8.69 7.71 9.38
C VAL B 114 8.56 6.80 10.60
N LEU B 115 9.32 7.09 11.64
CA LEU B 115 9.30 6.28 12.85
C LEU B 115 7.89 6.25 13.39
N LEU B 116 7.30 7.44 13.44
CA LEU B 116 5.93 7.63 13.91
C LEU B 116 4.96 6.76 13.09
N TYR B 117 5.16 6.77 11.78
CA TYR B 117 4.33 6.04 10.84
C TYR B 117 4.41 4.52 11.06
N MET B 118 5.61 4.01 11.29
CA MET B 118 5.76 2.57 11.53
C MET B 118 5.12 2.16 12.84
N ALA B 119 5.13 3.07 13.81
CA ALA B 119 4.48 2.79 15.09
C ALA B 119 2.98 2.73 14.87
N THR B 120 2.48 3.62 14.02
CA THR B 120 1.05 3.66 13.77
C THR B 120 0.59 2.38 13.06
N GLN B 121 1.37 1.95 12.07
CA GLN B 121 1.06 0.73 11.34
C GLN B 121 1.02 -0.46 12.28
N ILE B 122 2.00 -0.55 13.16
CA ILE B 122 2.11 -1.68 14.07
C ILE B 122 0.94 -1.71 15.05
N SER B 123 0.61 -0.56 15.62
CA SER B 123 -0.55 -0.45 16.52
C SER B 123 -1.86 -0.82 15.80
N SER B 124 -1.92 -0.59 14.49
CA SER B 124 -3.10 -0.94 13.72
C SER B 124 -3.27 -2.46 13.66
N ALA B 125 -2.19 -3.15 13.35
CA ALA B 125 -2.24 -4.61 13.33
C ALA B 125 -2.70 -5.12 14.69
N MET B 126 -2.11 -4.53 15.74
CA MET B 126 -2.35 -5.02 17.08
C MET B 126 -3.77 -4.76 17.52
N GLU B 127 -4.37 -3.67 17.04
CA GLU B 127 -5.76 -3.40 17.35
C GLU B 127 -6.65 -4.49 16.75
N TYR B 128 -6.28 -4.91 15.54
CA TYR B 128 -6.99 -5.97 14.83
C TYR B 128 -6.88 -7.30 15.58
N LEU B 129 -5.67 -7.68 15.98
CA LEU B 129 -5.51 -8.88 16.79
C LEU B 129 -6.32 -8.79 18.09
N GLU B 130 -6.35 -7.60 18.66
CA GLU B 130 -7.08 -7.33 19.89
C GLU B 130 -8.60 -7.52 19.71
N LYS B 131 -9.15 -7.10 18.57
CA LYS B 131 -10.58 -7.29 18.29
C LYS B 131 -10.90 -8.74 17.92
N LYS B 132 -9.92 -9.45 17.40
CA LYS B 132 -10.10 -10.85 16.97
C LYS B 132 -9.81 -11.87 18.08
N ASN B 133 -9.50 -11.38 19.27
CA ASN B 133 -9.14 -12.27 20.37
C ASN B 133 -7.95 -13.15 20.03
N PHE B 134 -6.98 -12.58 19.34
CA PHE B 134 -5.68 -13.23 19.20
C PHE B 134 -4.70 -12.49 20.09
N ILE B 135 -3.61 -13.17 20.47
CA ILE B 135 -2.47 -12.48 21.06
C ILE B 135 -1.17 -12.92 20.39
N HIS B 136 -0.15 -12.06 20.46
CA HIS B 136 1.12 -12.35 19.83
C HIS B 136 2.09 -13.12 20.71
N ARG B 137 2.38 -12.56 21.89
CA ARG B 137 3.26 -13.23 22.86
C ARG B 137 4.75 -13.14 22.49
N ASP B 138 5.06 -12.49 21.37
CA ASP B 138 6.45 -12.22 21.02
C ASP B 138 6.58 -10.95 20.19
N LEU B 139 5.87 -9.90 20.59
CA LEU B 139 6.01 -8.60 19.94
C LEU B 139 7.41 -8.02 20.16
N ALA B 140 8.10 -7.76 19.06
CA ALA B 140 9.40 -7.09 19.08
C ALA B 140 9.77 -6.67 17.66
N ALA B 141 10.72 -5.74 17.52
CA ALA B 141 11.20 -5.34 16.20
C ALA B 141 11.66 -6.53 15.35
N ARG B 142 12.31 -7.50 15.99
CA ARG B 142 12.86 -8.65 15.26
C ARG B 142 11.78 -9.40 14.52
N ASN B 143 10.55 -9.25 15.00
CA ASN B 143 9.41 -9.98 14.43
C ASN B 143 8.46 -9.10 13.61
N CYS B 144 8.95 -7.93 13.22
CA CYS B 144 8.21 -7.08 12.30
C CYS B 144 8.99 -7.08 10.99
N LEU B 145 8.27 -7.03 9.88
CA LEU B 145 8.92 -7.07 8.59
C LEU B 145 8.64 -5.80 7.81
N VAL B 146 9.60 -5.40 6.98
CA VAL B 146 9.54 -4.13 6.28
C VAL B 146 9.56 -4.34 4.78
N GLY B 147 8.57 -3.77 4.09
CA GLY B 147 8.57 -3.76 2.63
C GLY B 147 8.98 -2.40 2.07
N GLU B 148 8.61 -2.14 0.81
CA GLU B 148 8.88 -0.84 0.17
C GLU B 148 8.06 0.25 0.85
N ASN B 149 8.58 1.48 0.86
CA ASN B 149 7.83 2.62 1.37
C ASN B 149 7.53 2.53 2.87
N HIS B 150 8.49 1.98 3.63
CA HIS B 150 8.37 1.93 5.07
C HIS B 150 7.09 1.23 5.49
N LEU B 151 6.57 0.37 4.62
CA LEU B 151 5.47 -0.48 4.98
C LEU B 151 5.94 -1.52 6.00
N VAL B 152 5.21 -1.63 7.11
CA VAL B 152 5.61 -2.55 8.16
C VAL B 152 4.50 -3.55 8.41
N LYS B 153 4.88 -4.80 8.53
CA LYS B 153 3.94 -5.85 8.87
C LYS B 153 4.44 -6.67 10.04
N VAL B 154 3.51 -7.04 10.93
CA VAL B 154 3.82 -7.96 12.00
C VAL B 154 3.75 -9.40 11.47
N ALA B 155 4.78 -10.19 11.80
CA ALA B 155 4.80 -11.60 11.48
C ALA B 155 3.73 -12.28 12.34
N ASP B 156 3.06 -13.29 11.78
CA ASP B 156 1.85 -13.82 12.39
C ASP B 156 1.74 -15.34 12.32
N PHE B 157 2.87 -16.02 12.21
CA PHE B 157 2.88 -17.49 12.24
C PHE B 157 2.64 -18.03 13.65
N GLY B 158 3.17 -17.34 14.66
CA GLY B 158 3.09 -17.80 16.04
C GLY B 158 1.94 -17.29 16.91
N LEU B 159 1.00 -16.57 16.32
CA LEU B 159 -0.15 -16.04 17.04
C LEU B 159 -0.91 -17.11 17.80
N SER B 160 -1.58 -16.70 18.87
CA SER B 160 -2.43 -17.61 19.65
C SER B 160 -3.85 -17.08 19.75
N ARG B 161 -4.82 -17.96 19.55
CA ARG B 161 -6.22 -17.60 19.72
C ARG B 161 -6.63 -17.82 21.17
N LEU B 162 -7.36 -16.85 21.74
CA LEU B 162 -7.95 -17.02 23.07
C LEU B 162 -9.29 -17.77 22.93
N MET B 163 -9.32 -19.03 23.36
CA MET B 163 -10.54 -19.81 23.30
C MET B 163 -11.47 -19.50 24.47
N THR B 164 -10.88 -19.20 25.63
CA THR B 164 -11.64 -18.89 26.83
C THR B 164 -10.96 -17.82 27.68
N GLY B 165 -11.67 -16.76 28.00
CA GLY B 165 -11.12 -15.72 28.85
C GLY B 165 -10.09 -14.92 28.08
N ASP B 166 -9.32 -14.11 28.80
CA ASP B 166 -8.42 -13.18 28.13
C ASP B 166 -6.96 -13.45 28.44
N THR B 167 -6.71 -14.48 29.25
CA THR B 167 -5.35 -14.84 29.61
C THR B 167 -4.92 -16.18 29.03
N TYR B 168 -3.70 -16.20 28.51
CA TYR B 168 -3.08 -17.39 27.94
C TYR B 168 -1.89 -17.78 28.83
N THR B 169 -1.94 -18.97 29.40
CA THR B 169 -0.96 -19.38 30.39
C THR B 169 0.01 -20.44 29.88
N ALA B 170 1.23 -20.01 29.58
CA ALA B 170 2.33 -20.92 29.30
C ALA B 170 2.48 -21.91 30.46
N HIS B 171 2.93 -23.12 30.13
CA HIS B 171 2.81 -24.30 31.02
C HIS B 171 3.63 -24.28 32.31
N ALA B 172 4.95 -24.33 32.16
CA ALA B 172 5.85 -24.55 33.27
C ALA B 172 7.25 -23.99 32.99
N GLY B 173 7.98 -24.67 32.13
CA GLY B 173 9.36 -24.30 31.86
C GLY B 173 9.57 -23.30 30.74
N ALA B 174 8.48 -22.80 30.17
CA ALA B 174 8.55 -21.89 29.02
C ALA B 174 9.56 -20.74 29.21
N LYS B 175 10.27 -20.41 28.14
CA LYS B 175 11.36 -19.42 28.19
C LYS B 175 11.10 -18.18 27.34
N PHE B 176 11.12 -17.02 27.99
CA PHE B 176 10.68 -15.77 27.39
C PHE B 176 11.85 -14.85 27.08
N PRO B 177 11.71 -13.99 26.05
CA PRO B 177 12.63 -12.86 25.89
C PRO B 177 12.34 -11.83 26.99
N ILE B 178 13.23 -11.80 27.99
CA ILE B 178 13.00 -11.11 29.26
C ILE B 178 12.74 -9.63 29.13
N LYS B 179 13.54 -8.98 28.28
CA LYS B 179 13.46 -7.53 28.16
C LYS B 179 12.21 -7.03 27.44
N TRP B 180 11.47 -7.93 26.78
CA TRP B 180 10.20 -7.54 26.15
C TRP B 180 8.97 -8.05 26.92
N THR B 181 9.19 -8.86 27.95
CA THR B 181 8.10 -9.59 28.58
C THR B 181 7.48 -8.89 29.79
N ALA B 182 6.16 -8.74 29.77
CA ALA B 182 5.46 -8.07 30.85
C ALA B 182 5.71 -8.74 32.19
N PRO B 183 5.65 -7.97 33.29
CA PRO B 183 5.91 -8.48 34.63
C PRO B 183 5.04 -9.69 34.98
N GLU B 184 3.76 -9.64 34.63
CA GLU B 184 2.86 -10.74 34.99
C GLU B 184 3.19 -12.03 34.21
N SER B 185 3.80 -11.88 33.04
CA SER B 185 4.23 -13.05 32.27
C SER B 185 5.50 -13.66 32.86
N LEU B 186 6.39 -12.82 33.35
CA LEU B 186 7.61 -13.28 34.04
C LEU B 186 7.29 -13.93 35.40
N ALA B 187 6.35 -13.34 36.12
CA ALA B 187 5.93 -13.85 37.40
C ALA B 187 5.04 -15.10 37.28
N TYR B 188 3.97 -14.98 36.51
CA TYR B 188 2.90 -15.99 36.52
C TYR B 188 2.74 -16.75 35.22
N ASN B 189 3.65 -16.54 34.27
CA ASN B 189 3.55 -17.20 32.98
C ASN B 189 2.25 -16.90 32.24
N LYS B 190 1.62 -15.78 32.60
CA LYS B 190 0.33 -15.40 32.06
C LYS B 190 0.51 -14.37 30.93
N PHE B 191 -0.13 -14.62 29.79
CA PHE B 191 -0.06 -13.68 28.67
C PHE B 191 -1.43 -13.17 28.29
N SER B 192 -1.51 -11.90 27.96
CA SER B 192 -2.78 -11.33 27.55
C SER B 192 -2.49 -10.28 26.51
N ILE B 193 -3.53 -9.71 25.90
CA ILE B 193 -3.32 -8.61 24.97
C ILE B 193 -2.60 -7.46 25.70
N LYS B 194 -2.81 -7.37 27.01
CA LYS B 194 -2.14 -6.37 27.86
C LYS B 194 -0.65 -6.65 28.02
N SER B 195 -0.27 -7.93 27.99
CA SER B 195 1.13 -8.32 27.85
C SER B 195 1.70 -7.84 26.50
N ASP B 196 0.89 -7.99 25.43
CA ASP B 196 1.32 -7.48 24.12
C ASP B 196 1.47 -5.96 24.20
N VAL B 197 0.57 -5.30 24.94
CA VAL B 197 0.66 -3.86 25.10
C VAL B 197 2.00 -3.48 25.75
N TRP B 198 2.39 -4.22 26.78
CA TRP B 198 3.68 -3.97 27.41
C TRP B 198 4.79 -4.11 26.35
N ALA B 199 4.79 -5.22 25.63
CA ALA B 199 5.88 -5.49 24.68
C ALA B 199 5.91 -4.41 23.61
N PHE B 200 4.73 -3.97 23.21
CA PHE B 200 4.62 -2.88 22.24
C PHE B 200 5.37 -1.62 22.67
N GLY B 201 5.29 -1.28 23.95
CA GLY B 201 6.02 -0.13 24.47
C GLY B 201 7.52 -0.30 24.26
N VAL B 202 8.01 -1.50 24.52
CA VAL B 202 9.42 -1.78 24.29
C VAL B 202 9.73 -1.63 22.79
N LEU B 203 8.83 -2.15 21.96
CA LEU B 203 8.96 -1.99 20.52
C LEU B 203 9.06 -0.51 20.17
N LEU B 204 8.21 0.32 20.77
CA LEU B 204 8.32 1.76 20.56
C LEU B 204 9.72 2.26 20.92
N TRP B 205 10.27 1.73 22.02
CA TRP B 205 11.59 2.15 22.46
C TRP B 205 12.65 1.77 21.41
N GLU B 206 12.57 0.56 20.87
CA GLU B 206 13.47 0.13 19.80
C GLU B 206 13.38 1.07 18.58
N ILE B 207 12.16 1.38 18.16
CA ILE B 207 11.96 2.29 17.04
C ILE B 207 12.59 3.67 17.30
N ALA B 208 12.33 4.22 18.48
CA ALA B 208 12.85 5.54 18.82
C ALA B 208 14.39 5.58 18.94
N THR B 209 15.01 4.43 19.17
CA THR B 209 16.47 4.39 19.34
C THR B 209 17.18 3.84 18.10
N TYR B 210 16.42 3.52 17.07
CA TYR B 210 16.95 2.91 15.86
C TYR B 210 17.57 1.53 16.11
N GLY B 211 16.97 0.73 16.98
CA GLY B 211 17.42 -0.65 17.15
C GLY B 211 18.39 -0.95 18.29
N MET B 212 18.54 -0.01 19.21
CA MET B 212 19.28 -0.29 20.44
C MET B 212 18.63 -1.44 21.20
N SER B 213 19.45 -2.20 21.93
CA SER B 213 18.94 -3.20 22.85
C SER B 213 18.27 -2.50 24.00
N PRO B 214 17.15 -3.04 24.49
CA PRO B 214 16.49 -2.44 25.65
C PRO B 214 17.25 -2.72 26.96
N TYR B 215 17.10 -1.86 27.97
CA TYR B 215 17.88 -1.98 29.21
C TYR B 215 19.36 -2.23 28.88
N PRO B 216 19.93 -1.41 27.99
CA PRO B 216 21.33 -1.58 27.59
C PRO B 216 22.22 -1.63 28.84
N GLY B 217 23.03 -2.66 28.98
CA GLY B 217 23.99 -2.74 30.06
C GLY B 217 23.45 -3.33 31.36
N ILE B 218 22.14 -3.38 31.50
CA ILE B 218 21.53 -4.02 32.67
C ILE B 218 21.42 -5.53 32.47
N ASP B 219 21.98 -6.31 33.38
CA ASP B 219 21.94 -7.76 33.21
C ASP B 219 20.56 -8.37 33.53
N LEU B 220 20.24 -9.44 32.82
CA LEU B 220 18.90 -10.02 32.83
C LEU B 220 18.36 -10.29 34.23
N SER B 221 19.25 -10.70 35.13
CA SER B 221 18.81 -11.13 36.45
C SER B 221 18.14 -10.00 37.22
N GLN B 222 18.47 -8.76 36.88
CA GLN B 222 17.96 -7.61 37.63
C GLN B 222 16.60 -7.12 37.15
N VAL B 223 16.22 -7.49 35.93
CA VAL B 223 15.06 -6.87 35.28
C VAL B 223 13.74 -6.98 36.06
N TYR B 224 13.37 -8.16 36.55
CA TYR B 224 12.09 -8.24 37.20
C TYR B 224 12.05 -7.37 38.46
N GLU B 225 13.07 -7.48 39.30
CA GLU B 225 13.13 -6.64 40.50
C GLU B 225 13.12 -5.14 40.19
N LEU B 226 13.93 -4.75 39.21
CA LEU B 226 13.96 -3.36 38.78
C LEU B 226 12.57 -2.84 38.42
N LEU B 227 11.89 -3.55 37.52
CA LEU B 227 10.53 -3.19 37.11
C LEU B 227 9.53 -3.15 38.28
N GLU B 228 9.63 -4.14 39.17
CA GLU B 228 8.78 -4.21 40.36
C GLU B 228 9.05 -2.98 41.23
N LYS B 229 10.31 -2.58 41.29
CA LYS B 229 10.66 -1.42 42.10
C LYS B 229 10.60 -0.11 41.33
N ASP B 230 9.88 -0.14 40.20
CA ASP B 230 9.46 1.07 39.48
C ASP B 230 10.46 1.65 38.49
N TYR B 231 11.56 0.94 38.23
CA TYR B 231 12.48 1.36 37.19
C TYR B 231 11.82 1.24 35.80
N ARG B 232 12.01 2.26 34.97
CA ARG B 232 11.58 2.20 33.56
C ARG B 232 12.67 2.81 32.68
N MET B 233 12.74 2.40 31.41
CA MET B 233 13.75 2.96 30.51
C MET B 233 13.49 4.44 30.36
N GLU B 234 14.57 5.19 30.20
CA GLU B 234 14.48 6.64 30.05
C GLU B 234 14.08 7.01 28.62
N ARG B 235 13.56 8.23 28.46
CA ARG B 235 13.20 8.76 27.15
C ARG B 235 14.43 8.82 26.24
N PRO B 236 14.40 8.07 25.14
CA PRO B 236 15.51 8.07 24.18
C PRO B 236 15.70 9.48 23.63
N GLU B 237 16.95 9.83 23.29
CA GLU B 237 17.23 11.16 22.75
C GLU B 237 16.37 11.49 21.51
N GLY B 238 15.71 12.64 21.55
CA GLY B 238 14.92 13.09 20.42
C GLY B 238 13.55 12.45 20.31
N CYS B 239 13.15 11.71 21.33
CA CYS B 239 11.84 11.06 21.32
C CYS B 239 10.80 12.04 21.81
N PRO B 240 9.80 12.34 20.96
CA PRO B 240 8.74 13.30 21.36
C PRO B 240 8.06 12.87 22.67
N GLU B 241 7.80 13.85 23.53
CA GLU B 241 7.29 13.58 24.87
C GLU B 241 5.95 12.81 24.89
N LYS B 242 5.07 13.08 23.93
CA LYS B 242 3.79 12.36 23.86
C LYS B 242 4.02 10.88 23.52
N VAL B 243 5.06 10.62 22.74
CA VAL B 243 5.42 9.24 22.40
C VAL B 243 5.96 8.51 23.63
N TYR B 244 6.75 9.21 24.43
CA TYR B 244 7.32 8.61 25.62
C TYR B 244 6.23 8.36 26.68
N GLU B 245 5.26 9.29 26.77
CA GLU B 245 4.11 9.13 27.64
C GLU B 245 3.43 7.78 27.39
N LEU B 246 3.19 7.47 26.12
CA LEU B 246 2.55 6.22 25.72
C LEU B 246 3.39 5.03 26.11
N MET B 247 4.66 5.08 25.77
CA MET B 247 5.60 4.07 26.24
C MET B 247 5.31 3.77 27.71
N ARG B 248 5.35 4.82 28.54
CA ARG B 248 5.11 4.72 29.98
C ARG B 248 3.72 4.17 30.33
N ALA B 249 2.67 4.63 29.67
CA ALA B 249 1.34 4.03 29.87
C ALA B 249 1.36 2.52 29.54
N CYS B 250 2.10 2.15 28.50
CA CYS B 250 2.23 0.73 28.14
C CYS B 250 2.95 -0.05 29.22
N TRP B 251 3.69 0.66 30.08
CA TRP B 251 4.53 -0.01 31.05
C TRP B 251 3.95 0.02 32.47
N GLN B 252 2.67 0.31 32.57
CA GLN B 252 1.96 0.22 33.84
C GLN B 252 2.10 -1.17 34.45
N TRP B 253 2.53 -1.22 35.70
CA TRP B 253 2.69 -2.47 36.42
C TRP B 253 1.45 -3.39 36.35
N ASN B 254 0.28 -2.81 36.53
CA ASN B 254 -0.94 -3.59 36.49
C ASN B 254 -1.48 -3.58 35.06
N PRO B 255 -1.68 -4.77 34.49
CA PRO B 255 -2.26 -5.00 33.16
C PRO B 255 -3.48 -4.10 32.89
N SER B 256 -4.41 -4.03 33.85
CA SER B 256 -5.65 -3.27 33.66
C SER B 256 -5.41 -1.78 33.48
N ASP B 257 -4.29 -1.27 33.99
CA ASP B 257 -3.97 0.15 33.81
C ASP B 257 -3.37 0.46 32.44
N ARG B 258 -2.93 -0.57 31.71
CA ARG B 258 -2.37 -0.32 30.38
C ARG B 258 -3.46 0.02 29.38
N PRO B 259 -3.17 0.95 28.47
CA PRO B 259 -4.19 1.28 27.47
C PRO B 259 -4.41 0.11 26.51
N SER B 260 -5.56 0.10 25.86
CA SER B 260 -5.88 -0.90 24.85
C SER B 260 -5.15 -0.49 23.58
N PHE B 261 -4.95 -1.45 22.67
CA PHE B 261 -4.35 -1.11 21.37
C PHE B 261 -5.27 -0.19 20.56
N ALA B 262 -6.56 -0.20 20.88
CA ALA B 262 -7.49 0.69 20.19
C ALA B 262 -7.21 2.15 20.63
N GLU B 263 -6.97 2.34 21.93
CA GLU B 263 -6.56 3.66 22.39
C GLU B 263 -5.19 4.06 21.82
N ILE B 264 -4.25 3.12 21.81
CA ILE B 264 -2.90 3.34 21.30
C ILE B 264 -2.91 3.71 19.81
N HIS B 265 -3.52 2.86 19.00
CA HIS B 265 -3.71 3.15 17.59
C HIS B 265 -4.35 4.53 17.31
N GLN B 266 -5.43 4.87 18.00
CA GLN B 266 -6.04 6.21 17.85
C GLN B 266 -5.06 7.35 18.21
N ALA B 267 -4.27 7.13 19.25
CA ALA B 267 -3.27 8.11 19.68
C ALA B 267 -2.17 8.33 18.62
N PHE B 268 -1.64 7.25 18.06
CA PHE B 268 -0.63 7.38 17.02
C PHE B 268 -1.20 7.94 15.72
N GLU B 269 -2.42 7.54 15.37
CA GLU B 269 -3.08 8.07 14.18
C GLU B 269 -3.15 9.59 14.28
N THR B 270 -3.63 10.09 15.42
CA THR B 270 -3.75 11.53 15.64
C THR B 270 -2.39 12.21 15.59
N MET B 271 -1.42 11.67 16.33
CA MET B 271 -0.08 12.22 16.32
C MET B 271 0.46 12.29 14.90
N PHE B 272 0.26 11.21 14.16
CA PHE B 272 0.79 11.07 12.81
C PHE B 272 0.17 12.05 11.79
N GLN B 273 -1.13 12.32 11.92
CA GLN B 273 -1.76 13.36 11.10
C GLN B 273 -1.27 14.76 11.44
N GLU B 274 -1.02 15.02 12.72
CA GLU B 274 -0.55 16.34 13.13
C GLU B 274 0.87 16.65 12.65
N SER B 275 1.76 15.66 12.71
CA SER B 275 3.09 15.82 12.15
C SER B 275 3.05 16.09 10.66
N SER B 276 2.10 15.44 9.96
CA SER B 276 1.94 15.65 8.53
C SER B 276 1.71 17.12 8.18
N ILE B 277 0.98 17.83 9.04
CA ILE B 277 0.79 19.27 8.90
C ILE B 277 2.13 19.98 8.75
#